data_7BOT
#
_entry.id   7BOT
#
_cell.length_a   35.830
_cell.length_b   65.494
_cell.length_c   114.889
_cell.angle_alpha   90.000
_cell.angle_beta   90.000
_cell.angle_gamma   90.000
#
_symmetry.space_group_name_H-M   'P 21 21 21'
#
loop_
_entity.id
_entity.type
_entity.pdbx_description
1 polymer 'NAD-dependent protein deacetylase sirtuin-2'
2 polymer 'myristoyl thiourea inhibitor, No.23'
3 non-polymer 'ZINC ION'
4 non-polymer N-dodecylmethanethioamide
5 water water
#
loop_
_entity_poly.entity_id
_entity_poly.type
_entity_poly.pdbx_seq_one_letter_code
_entity_poly.pdbx_strand_id
1 'polypeptide(L)'
;GSQKERLLDELTLEGVARYMQSERCRRVICLVGAGISTSAGIPDFRSPSTGLYDNLEKYHLPYPEAIFEISYFKKHPEPF
FALAKELYPGQFKPTICHYFMRLLKDKGLLLRCYTQNIDTLERIAGLEQEDLVEAHGTFYTSHCVSASCRHEYPLSWMKE
KIFSEVTPKCEDCQSLVKPDIVFFGESLPARFFSCMQSDFLKVDLLLVMGTSLQVQPFASLISKAPLSTPRLLINKEKAG
GGGMDFDSKKAYRDVAWLGECDQGCLALAELLGWKKELEDLVRREHASIDAQS
;
A
2 'polypeptide(L)' (P6S)K(AIB)R(NH2) B
#
loop_
_chem_comp.id
_chem_comp.type
_chem_comp.name
_chem_comp.formula
F4R non-polymer N-dodecylmethanethioamide 'C13 H27 N S'
NH2 non-polymer 'AMINO GROUP' 'H2 N'
P6S non-polymer 'benzyl hydrogen carbonate' 'C8 H8 O3'
ZN non-polymer 'ZINC ION' 'Zn 2'
#
# COMPACT_ATOMS: atom_id res chain seq x y z
N GLU A 5 -3.26 3.11 -28.84
CA GLU A 5 -2.56 4.37 -29.27
C GLU A 5 -1.41 4.68 -28.31
N ARG A 6 -0.66 5.75 -28.64
CA ARG A 6 0.35 6.30 -27.74
C ARG A 6 -0.07 7.69 -27.26
N LEU A 7 -0.35 7.79 -25.96
CA LEU A 7 -0.82 9.02 -25.33
C LEU A 7 0.33 9.85 -24.77
N LEU A 8 1.44 9.23 -24.33
CA LEU A 8 2.54 9.99 -23.73
C LEU A 8 3.35 10.64 -24.85
N ASP A 9 3.79 11.90 -24.63
CA ASP A 9 4.64 12.56 -25.61
C ASP A 9 6.12 12.16 -25.47
N GLU A 10 6.46 11.46 -24.37
CA GLU A 10 7.83 11.21 -23.95
C GLU A 10 7.82 10.13 -22.87
N LEU A 11 8.73 9.15 -22.94
CA LEU A 11 8.77 8.12 -21.92
C LEU A 11 9.64 8.55 -20.72
N THR A 12 9.18 9.59 -19.99
CA THR A 12 9.92 10.13 -18.87
C THR A 12 8.90 10.68 -17.86
N LEU A 13 9.35 10.96 -16.63
CA LEU A 13 8.51 11.57 -15.59
C LEU A 13 7.86 12.86 -16.11
N GLU A 14 8.63 13.67 -16.85
CA GLU A 14 8.13 14.90 -17.46
C GLU A 14 7.00 14.62 -18.44
N GLY A 15 7.12 13.59 -19.30
CA GLY A 15 6.05 13.26 -20.23
C GLY A 15 4.77 12.83 -19.50
N VAL A 16 4.96 12.11 -18.39
CA VAL A 16 3.85 11.62 -17.58
C VAL A 16 3.18 12.84 -16.93
N ALA A 17 3.97 13.78 -16.42
CA ALA A 17 3.41 15.00 -15.83
C ALA A 17 2.52 15.77 -16.83
N ARG A 18 2.98 15.96 -18.09
CA ARG A 18 2.24 16.67 -19.12
C ARG A 18 0.89 15.98 -19.41
N TYR A 19 0.92 14.64 -19.45
CA TYR A 19 -0.26 13.84 -19.68
C TYR A 19 -1.26 14.06 -18.53
N MET A 20 -0.75 13.97 -17.30
CA MET A 20 -1.57 14.14 -16.11
C MET A 20 -2.24 15.51 -16.11
N GLN A 21 -1.58 16.54 -16.69
CA GLN A 21 -2.13 17.91 -16.67
C GLN A 21 -3.22 18.08 -17.73
N SER A 22 -3.31 17.12 -18.67
CA SER A 22 -4.18 17.29 -19.82
C SER A 22 -5.58 16.81 -19.46
N GLU A 23 -6.52 17.16 -20.34
CA GLU A 23 -7.92 16.83 -20.23
C GLU A 23 -8.16 15.32 -20.32
N ARG A 24 -7.19 14.58 -20.87
CA ARG A 24 -7.30 13.14 -21.05
C ARG A 24 -7.21 12.39 -19.71
N CYS A 25 -6.49 12.95 -18.75
CA CYS A 25 -6.19 12.20 -17.53
C CYS A 25 -7.25 12.49 -16.45
N ARG A 26 -8.30 11.65 -16.41
CA ARG A 26 -9.43 11.93 -15.54
C ARG A 26 -9.52 10.96 -14.37
N ARG A 27 -9.08 9.70 -14.60
CA ARG A 27 -9.17 8.67 -13.59
C ARG A 27 -7.82 8.00 -13.39
N VAL A 28 -7.35 8.04 -12.15
CA VAL A 28 -6.04 7.48 -11.80
C VAL A 28 -6.24 6.36 -10.78
N ILE A 29 -5.57 5.22 -11.03
CA ILE A 29 -5.46 4.19 -10.00
C ILE A 29 -4.02 4.12 -9.51
N CYS A 30 -3.85 4.09 -8.18
CA CYS A 30 -2.57 3.89 -7.53
C CYS A 30 -2.44 2.43 -7.09
N LEU A 31 -1.30 1.79 -7.40
CA LEU A 31 -0.94 0.49 -6.84
C LEU A 31 0.31 0.69 -5.99
N VAL A 32 0.21 0.38 -4.70
CA VAL A 32 1.27 0.77 -3.79
C VAL A 32 1.71 -0.39 -2.90
N GLY A 33 2.97 -0.30 -2.46
CA GLY A 33 3.58 -1.28 -1.58
C GLY A 33 4.49 -0.65 -0.53
N ALA A 34 5.47 -1.44 -0.11
CA ALA A 34 6.19 -1.21 1.13
C ALA A 34 6.98 0.10 1.06
N GLY A 35 7.45 0.42 -0.14
CA GLY A 35 8.30 1.57 -0.39
C GLY A 35 7.63 2.90 -0.09
N ILE A 36 6.30 2.92 0.06
CA ILE A 36 5.65 4.20 0.23
C ILE A 36 5.62 4.55 1.71
N SER A 37 6.05 3.59 2.52
CA SER A 37 5.87 3.62 3.96
C SER A 37 7.24 3.67 4.65
N THR A 38 8.30 3.32 3.92
CA THR A 38 9.62 3.15 4.52
C THR A 38 10.16 4.45 5.13
N SER A 39 9.74 5.63 4.63
CA SER A 39 10.19 6.88 5.22
C SER A 39 9.30 7.29 6.39
N ALA A 40 8.23 6.51 6.63
CA ALA A 40 7.40 6.64 7.81
C ALA A 40 7.94 5.74 8.90
N GLY A 41 8.90 4.89 8.55
CA GLY A 41 9.55 4.04 9.52
C GLY A 41 8.97 2.62 9.57
N ILE A 42 8.02 2.32 8.68
CA ILE A 42 7.40 1.00 8.63
C ILE A 42 8.39 0.02 8.00
N PRO A 43 8.63 -1.15 8.63
CA PRO A 43 9.56 -2.15 8.06
C PRO A 43 9.06 -2.78 6.76
N ASP A 44 10.02 -3.20 5.93
CA ASP A 44 9.76 -3.52 4.54
C ASP A 44 9.48 -5.02 4.36
N PHE A 45 10.44 -5.88 4.73
CA PHE A 45 10.34 -7.33 4.65
C PHE A 45 10.46 -7.84 3.22
N ARG A 46 10.62 -6.93 2.24
CA ARG A 46 10.93 -7.32 0.88
C ARG A 46 12.25 -8.07 0.87
N SER A 47 13.23 -7.52 1.60
CA SER A 47 14.58 -8.07 1.68
C SER A 47 15.18 -7.71 3.03
N PRO A 48 14.94 -8.50 4.10
CA PRO A 48 15.57 -8.29 5.40
C PRO A 48 17.08 -7.99 5.30
N TYR A 53 16.76 -10.41 10.09
CA TYR A 53 16.98 -11.88 10.04
C TYR A 53 17.52 -12.37 11.37
N ASP A 54 18.57 -11.69 11.87
CA ASP A 54 19.21 -12.02 13.13
C ASP A 54 18.19 -11.94 14.26
N ASN A 55 17.26 -11.00 14.14
CA ASN A 55 16.28 -10.68 15.17
C ASN A 55 15.27 -11.81 15.30
N LEU A 56 15.10 -12.59 14.23
CA LEU A 56 14.08 -13.64 14.21
C LEU A 56 14.61 -14.95 14.80
N GLU A 57 15.95 -15.03 14.96
CA GLU A 57 16.71 -16.25 15.23
C GLU A 57 16.06 -17.07 16.35
N LYS A 58 15.43 -16.38 17.31
CA LYS A 58 14.73 -17.05 18.39
C LYS A 58 13.28 -17.35 17.95
N LEU A 61 11.70 -20.15 14.96
CA LEU A 61 10.82 -20.48 13.82
C LEU A 61 11.40 -21.67 13.04
N PRO A 62 10.55 -22.59 12.53
CA PRO A 62 11.03 -23.73 11.73
C PRO A 62 11.58 -23.32 10.36
N TYR A 63 10.99 -22.28 9.77
CA TYR A 63 11.61 -21.56 8.66
C TYR A 63 11.23 -20.08 8.76
N PRO A 64 12.11 -19.13 8.34
CA PRO A 64 11.91 -17.72 8.62
C PRO A 64 10.53 -17.16 8.27
N GLU A 65 9.97 -17.60 7.14
CA GLU A 65 8.78 -17.00 6.55
C GLU A 65 7.52 -17.35 7.35
N ALA A 66 7.63 -18.33 8.27
CA ALA A 66 6.48 -18.90 8.96
C ALA A 66 5.93 -17.94 10.01
N ILE A 67 6.66 -16.86 10.29
CA ILE A 67 6.14 -15.79 11.13
C ILE A 67 5.01 -15.07 10.39
N PHE A 68 5.03 -15.19 9.06
CA PHE A 68 4.06 -14.54 8.19
C PHE A 68 3.12 -15.59 7.59
N GLU A 69 2.89 -16.70 8.30
CA GLU A 69 2.12 -17.80 7.72
C GLU A 69 0.93 -18.18 8.57
N ILE A 70 -0.15 -18.57 7.90
CA ILE A 70 -1.46 -18.63 8.53
C ILE A 70 -1.51 -19.81 9.50
N SER A 71 -1.02 -20.97 9.05
CA SER A 71 -1.13 -22.22 9.79
C SER A 71 -0.32 -22.13 11.09
N TYR A 72 0.96 -21.76 10.94
CA TYR A 72 1.87 -21.56 12.06
C TYR A 72 1.27 -20.56 13.05
N PHE A 73 0.61 -19.52 12.53
CA PHE A 73 0.07 -18.48 13.39
C PHE A 73 -1.00 -19.03 14.33
N LYS A 74 -1.87 -19.92 13.81
CA LYS A 74 -2.98 -20.46 14.57
C LYS A 74 -2.44 -21.33 15.72
N LYS A 75 -1.40 -22.11 15.40
CA LYS A 75 -0.69 -22.97 16.33
C LYS A 75 0.10 -22.14 17.34
N HIS A 76 0.98 -21.27 16.82
CA HIS A 76 1.99 -20.54 17.59
C HIS A 76 1.86 -19.05 17.31
N PRO A 77 0.85 -18.36 17.89
CA PRO A 77 0.63 -16.92 17.64
C PRO A 77 1.62 -15.91 18.23
N GLU A 78 2.43 -16.32 19.22
CA GLU A 78 3.16 -15.34 20.00
C GLU A 78 4.35 -14.75 19.26
N PRO A 79 5.15 -15.54 18.48
CA PRO A 79 6.18 -14.97 17.62
C PRO A 79 5.71 -13.71 16.92
N PHE A 80 4.70 -13.86 16.06
CA PHE A 80 4.12 -12.76 15.29
C PHE A 80 3.85 -11.57 16.20
N PHE A 81 3.19 -11.84 17.34
CA PHE A 81 2.74 -10.78 18.23
C PHE A 81 3.93 -10.15 18.95
N ALA A 82 5.03 -10.91 19.05
CA ALA A 82 6.25 -10.45 19.69
C ALA A 82 6.97 -9.45 18.77
N LEU A 83 7.00 -9.80 17.47
CA LEU A 83 7.59 -8.98 16.41
C LEU A 83 6.77 -7.70 16.27
N ALA A 84 5.45 -7.83 16.40
CA ALA A 84 4.55 -6.69 16.28
C ALA A 84 4.86 -5.66 17.35
N LYS A 85 5.18 -6.13 18.56
CA LYS A 85 5.62 -5.26 19.63
C LYS A 85 6.97 -4.64 19.27
N GLU A 86 7.93 -5.50 18.90
CA GLU A 86 9.29 -5.09 18.55
C GLU A 86 9.27 -3.98 17.50
N LEU A 87 8.40 -4.11 16.48
CA LEU A 87 8.54 -3.32 15.28
C LEU A 87 7.45 -2.24 15.21
N TYR A 88 6.68 -2.12 16.29
CA TYR A 88 5.59 -1.17 16.35
C TYR A 88 6.13 0.26 16.24
N PRO A 89 5.74 1.03 15.21
CA PRO A 89 6.12 2.44 15.12
C PRO A 89 5.59 3.22 16.33
N GLY A 90 6.40 4.17 16.80
CA GLY A 90 6.03 4.99 17.94
C GLY A 90 5.07 6.10 17.53
N GLN A 91 5.05 6.36 16.21
CA GLN A 91 4.14 7.32 15.59
C GLN A 91 3.63 6.74 14.28
N PHE A 92 2.63 7.39 13.68
CA PHE A 92 2.09 7.00 12.40
C PHE A 92 1.93 8.26 11.57
N LYS A 93 3.04 8.67 10.94
CA LYS A 93 3.04 9.86 10.12
C LYS A 93 3.05 9.41 8.66
N PRO A 94 1.93 9.57 7.91
CA PRO A 94 1.90 9.20 6.49
C PRO A 94 2.97 10.01 5.76
N THR A 95 3.45 9.46 4.65
CA THR A 95 4.58 10.06 3.95
C THR A 95 4.09 11.09 2.94
N ILE A 96 5.06 11.79 2.34
CA ILE A 96 4.83 12.60 1.15
C ILE A 96 4.03 11.79 0.12
N CYS A 97 4.41 10.52 -0.06
CA CYS A 97 3.76 9.67 -1.05
C CYS A 97 2.27 9.42 -0.69
N HIS A 98 1.97 9.16 0.58
CA HIS A 98 0.59 9.05 1.04
C HIS A 98 -0.19 10.33 0.78
N TYR A 99 0.44 11.49 1.04
CA TYR A 99 -0.24 12.77 0.92
C TYR A 99 -0.35 13.20 -0.53
N PHE A 100 0.54 12.70 -1.39
CA PHE A 100 0.37 12.87 -2.82
C PHE A 100 -0.93 12.20 -3.27
N MET A 101 -1.20 10.98 -2.79
CA MET A 101 -2.47 10.33 -3.10
C MET A 101 -3.66 11.09 -2.51
N ARG A 102 -3.48 11.68 -1.32
CA ARG A 102 -4.48 12.58 -0.76
C ARG A 102 -4.80 13.71 -1.73
N LEU A 103 -3.76 14.29 -2.35
CA LEU A 103 -3.96 15.36 -3.31
C LEU A 103 -4.73 14.86 -4.52
N LEU A 104 -4.41 13.64 -5.00
CA LEU A 104 -5.16 13.12 -6.14
C LEU A 104 -6.63 12.99 -5.77
N LYS A 105 -6.89 12.60 -4.52
CA LYS A 105 -8.26 12.47 -4.03
C LYS A 105 -8.97 13.82 -4.05
N ASP A 106 -8.29 14.85 -3.53
CA ASP A 106 -8.87 16.20 -3.42
C ASP A 106 -9.16 16.77 -4.80
N LYS A 107 -8.29 16.45 -5.77
CA LYS A 107 -8.40 16.97 -7.12
C LYS A 107 -9.31 16.12 -8.01
N GLY A 108 -9.98 15.09 -7.43
CA GLY A 108 -11.01 14.39 -8.19
C GLY A 108 -10.42 13.41 -9.21
N LEU A 109 -9.12 13.11 -9.02
CA LEU A 109 -8.39 12.25 -9.95
C LEU A 109 -8.35 10.80 -9.48
N LEU A 110 -8.49 10.56 -8.16
CA LEU A 110 -8.20 9.23 -7.64
C LEU A 110 -9.43 8.36 -7.74
N LEU A 111 -9.32 7.34 -8.59
CA LEU A 111 -10.35 6.34 -8.78
C LEU A 111 -10.23 5.31 -7.66
N ARG A 112 -8.99 4.85 -7.38
CA ARG A 112 -8.82 3.84 -6.34
C ARG A 112 -7.35 3.72 -6.04
N CYS A 113 -7.07 3.47 -4.76
CA CYS A 113 -5.74 3.07 -4.32
C CYS A 113 -5.76 1.61 -3.87
N TYR A 114 -5.04 0.75 -4.60
CA TYR A 114 -4.86 -0.65 -4.22
C TYR A 114 -3.55 -0.72 -3.44
N THR A 115 -3.62 -1.15 -2.18
CA THR A 115 -2.43 -1.16 -1.34
C THR A 115 -2.06 -2.58 -0.90
N GLN A 116 -0.76 -2.87 -0.93
CA GLN A 116 -0.22 -4.10 -0.35
C GLN A 116 0.05 -3.92 1.15
N ASN A 117 -0.11 -2.69 1.65
CA ASN A 117 0.39 -2.35 2.99
C ASN A 117 -0.70 -2.59 4.03
N ILE A 118 -0.29 -2.82 5.29
CA ILE A 118 -1.21 -3.15 6.38
C ILE A 118 -1.14 -2.11 7.50
N ASP A 119 -0.41 -1.00 7.25
CA ASP A 119 -0.02 -0.04 8.27
C ASP A 119 -1.09 1.01 8.54
N THR A 120 -2.15 1.04 7.70
CA THR A 120 -3.29 1.95 7.83
C THR A 120 -2.94 3.39 7.46
N LEU A 121 -1.77 3.62 6.85
CA LEU A 121 -1.32 4.98 6.62
C LEU A 121 -2.17 5.68 5.56
N GLU A 122 -2.76 4.93 4.61
CA GLU A 122 -3.61 5.55 3.62
C GLU A 122 -4.82 6.21 4.32
N ARG A 123 -5.38 5.54 5.33
CA ARG A 123 -6.59 6.03 6.00
C ARG A 123 -6.27 7.32 6.76
N ILE A 124 -5.11 7.31 7.43
CA ILE A 124 -4.63 8.42 8.24
C ILE A 124 -4.36 9.64 7.36
N ALA A 125 -3.86 9.43 6.13
CA ALA A 125 -3.65 10.52 5.19
C ALA A 125 -4.97 11.05 4.62
N GLY A 126 -6.08 10.40 4.95
CA GLY A 126 -7.39 10.94 4.58
C GLY A 126 -8.02 10.29 3.35
N LEU A 127 -7.50 9.12 2.94
CA LEU A 127 -8.20 8.27 1.99
C LEU A 127 -9.34 7.56 2.73
N GLU A 128 -10.53 7.57 2.12
CA GLU A 128 -11.72 6.97 2.72
C GLU A 128 -11.75 5.50 2.32
N GLN A 129 -12.57 4.72 3.04
CA GLN A 129 -12.79 3.31 2.74
C GLN A 129 -13.09 3.11 1.24
N GLU A 130 -13.99 3.94 0.68
CA GLU A 130 -14.42 3.79 -0.70
C GLU A 130 -13.26 4.01 -1.69
N ASP A 131 -12.24 4.78 -1.27
CA ASP A 131 -11.10 5.02 -2.16
C ASP A 131 -10.09 3.87 -2.13
N LEU A 132 -10.25 2.92 -1.19
CA LEU A 132 -9.15 2.01 -0.91
C LEU A 132 -9.53 0.56 -1.19
N VAL A 133 -8.53 -0.20 -1.68
CA VAL A 133 -8.59 -1.65 -1.64
C VAL A 133 -7.35 -2.12 -0.88
N GLU A 134 -7.59 -2.53 0.38
CA GLU A 134 -6.56 -3.06 1.26
C GLU A 134 -6.36 -4.53 0.93
N ALA A 135 -5.48 -4.77 -0.05
CA ALA A 135 -5.40 -6.04 -0.75
C ALA A 135 -4.91 -7.14 0.19
N HIS A 136 -4.12 -6.75 1.19
CA HIS A 136 -3.48 -7.70 2.09
C HIS A 136 -4.02 -7.55 3.52
N GLY A 137 -5.22 -6.96 3.62
CA GLY A 137 -5.95 -6.72 4.85
C GLY A 137 -5.39 -5.51 5.60
N THR A 138 -5.70 -5.42 6.91
CA THR A 138 -5.36 -4.25 7.71
C THR A 138 -5.21 -4.62 9.19
N PHE A 139 -4.60 -3.70 9.94
CA PHE A 139 -4.49 -3.76 11.39
C PHE A 139 -5.56 -2.90 12.04
N TYR A 140 -6.30 -2.14 11.21
CA TYR A 140 -7.23 -1.16 11.73
C TYR A 140 -8.28 -1.85 12.60
N THR A 141 -8.54 -3.12 12.28
CA THR A 141 -9.55 -3.94 12.91
C THR A 141 -9.03 -5.37 13.03
N SER A 142 -9.44 -6.06 14.09
CA SER A 142 -9.02 -7.42 14.40
C SER A 142 -10.23 -8.29 14.70
N HIS A 143 -10.13 -9.59 14.39
CA HIS A 143 -11.26 -10.49 14.51
C HIS A 143 -10.86 -11.79 15.21
N CYS A 144 -11.73 -12.19 16.14
CA CYS A 144 -11.79 -13.55 16.66
C CYS A 144 -11.91 -14.55 15.52
N VAL A 145 -11.12 -15.63 15.60
CA VAL A 145 -11.01 -16.66 14.57
C VAL A 145 -12.22 -17.60 14.60
N SER A 146 -12.99 -17.56 15.70
CA SER A 146 -14.12 -18.46 15.92
C SER A 146 -15.26 -18.11 14.97
N ALA A 147 -15.49 -19.02 13.99
CA ALA A 147 -16.36 -18.78 12.85
C ALA A 147 -17.81 -18.57 13.26
N SER A 148 -18.18 -19.08 14.44
CA SER A 148 -19.52 -18.94 14.97
C SER A 148 -19.63 -17.68 15.82
N CYS A 149 -18.50 -16.95 15.96
CA CYS A 149 -18.43 -15.78 16.82
C CYS A 149 -17.94 -14.57 16.02
N ARG A 150 -16.62 -14.51 15.79
CA ARG A 150 -15.95 -13.50 14.99
C ARG A 150 -16.07 -12.12 15.64
N HIS A 151 -15.92 -12.08 16.97
CA HIS A 151 -15.92 -10.85 17.73
C HIS A 151 -14.91 -9.88 17.15
N GLU A 152 -15.30 -8.60 17.00
CA GLU A 152 -14.46 -7.56 16.43
C GLU A 152 -13.93 -6.64 17.51
N TYR A 153 -12.62 -6.37 17.47
CA TYR A 153 -11.95 -5.49 18.40
C TYR A 153 -11.19 -4.40 17.63
N PRO A 154 -11.06 -3.17 18.18
CA PRO A 154 -10.39 -2.07 17.48
C PRO A 154 -8.87 -2.08 17.65
N LEU A 155 -8.22 -1.09 17.03
CA LEU A 155 -6.77 -0.98 17.00
C LEU A 155 -6.22 -0.90 18.42
N SER A 156 -6.84 -0.04 19.24
CA SER A 156 -6.38 0.30 20.57
C SER A 156 -6.37 -0.90 21.52
N TRP A 157 -7.29 -1.85 21.29
CA TRP A 157 -7.36 -3.08 22.07
C TRP A 157 -6.24 -4.03 21.65
N MET A 158 -5.99 -4.08 20.33
CA MET A 158 -4.98 -4.94 19.74
C MET A 158 -3.58 -4.42 20.07
N LYS A 159 -3.43 -3.09 19.98
CA LYS A 159 -2.19 -2.38 20.28
C LYS A 159 -1.80 -2.59 21.74
N GLU A 160 -2.79 -2.44 22.64
CA GLU A 160 -2.58 -2.52 24.08
C GLU A 160 -2.24 -3.96 24.49
N LYS A 161 -2.82 -4.93 23.78
CA LYS A 161 -2.63 -6.33 24.09
C LYS A 161 -1.23 -6.78 23.71
N ILE A 162 -0.71 -6.18 22.62
CA ILE A 162 0.43 -6.74 21.90
C ILE A 162 1.70 -6.57 22.73
N PHE A 163 1.83 -5.38 23.34
CA PHE A 163 3.03 -5.01 24.08
C PHE A 163 2.98 -5.60 25.48
N SER A 164 1.77 -5.94 25.93
CA SER A 164 1.58 -6.65 27.19
C SER A 164 2.07 -8.08 27.04
N GLU A 165 2.48 -8.43 25.81
CA GLU A 165 3.13 -9.70 25.49
C GLU A 165 2.18 -10.87 25.77
N VAL A 166 0.89 -10.57 25.91
CA VAL A 166 -0.11 -11.61 26.06
C VAL A 166 -0.84 -11.78 24.73
N THR A 167 -1.07 -13.05 24.36
CA THR A 167 -1.85 -13.37 23.17
C THR A 167 -3.24 -12.73 23.31
N PRO A 168 -3.72 -12.02 22.26
CA PRO A 168 -5.09 -11.49 22.27
C PRO A 168 -6.11 -12.61 22.10
N LYS A 169 -7.09 -12.65 23.01
CA LYS A 169 -8.10 -13.69 23.01
C LYS A 169 -9.47 -13.04 23.09
N CYS A 170 -10.48 -13.74 22.55
CA CYS A 170 -11.84 -13.23 22.52
C CYS A 170 -12.50 -13.39 23.88
N GLU A 171 -13.18 -12.34 24.32
CA GLU A 171 -13.79 -12.28 25.64
C GLU A 171 -15.10 -13.06 25.68
N ASP A 172 -15.62 -13.41 24.49
CA ASP A 172 -16.85 -14.20 24.37
C ASP A 172 -16.50 -15.67 24.17
N CYS A 173 -15.49 -15.94 23.32
CA CYS A 173 -14.97 -17.27 23.05
C CYS A 173 -14.30 -17.83 24.31
N LEU A 176 -8.58 -16.94 20.04
CA LEU A 176 -7.50 -16.14 19.38
C LEU A 176 -8.13 -14.97 18.63
N VAL A 177 -7.45 -13.81 18.65
CA VAL A 177 -7.91 -12.64 17.93
C VAL A 177 -6.81 -12.19 16.96
N LYS A 178 -7.12 -12.28 15.66
CA LYS A 178 -6.18 -12.04 14.57
C LYS A 178 -6.41 -10.63 14.06
N PRO A 179 -5.35 -9.90 13.65
CA PRO A 179 -5.55 -8.67 12.87
C PRO A 179 -6.03 -9.11 11.49
N ASP A 180 -6.82 -8.24 10.85
CA ASP A 180 -7.43 -8.59 9.57
C ASP A 180 -6.39 -8.50 8.45
N ILE A 181 -5.22 -9.12 8.65
CA ILE A 181 -4.19 -9.13 7.63
C ILE A 181 -4.22 -10.48 6.92
N VAL A 182 -3.85 -10.48 5.63
CA VAL A 182 -3.80 -11.68 4.83
C VAL A 182 -2.40 -12.31 4.93
N PHE A 183 -2.30 -13.39 5.70
CA PHE A 183 -1.06 -14.13 5.90
C PHE A 183 -0.76 -14.95 4.63
N PHE A 184 0.51 -15.34 4.45
CA PHE A 184 0.86 -16.21 3.34
C PHE A 184 -0.05 -17.44 3.40
N GLY A 185 -0.60 -17.83 2.24
CA GLY A 185 -1.48 -18.98 2.14
C GLY A 185 -2.95 -18.64 2.42
N GLU A 186 -3.24 -17.37 2.71
CA GLU A 186 -4.61 -16.95 2.96
C GLU A 186 -5.13 -16.29 1.68
N SER A 187 -6.43 -16.46 1.40
CA SER A 187 -7.01 -15.87 0.21
C SER A 187 -7.31 -14.39 0.45
N LEU A 188 -7.36 -13.60 -0.63
CA LEU A 188 -7.45 -12.15 -0.54
C LEU A 188 -8.90 -11.72 -0.27
N PRO A 189 -9.13 -10.48 0.20
CA PRO A 189 -10.49 -9.99 0.50
C PRO A 189 -11.36 -9.88 -0.75
N ALA A 190 -12.68 -10.07 -0.54
CA ALA A 190 -13.66 -10.10 -1.62
C ALA A 190 -13.61 -8.80 -2.42
N ARG A 191 -13.33 -7.71 -1.70
CA ARG A 191 -13.36 -6.36 -2.23
C ARG A 191 -12.28 -6.16 -3.30
N PHE A 192 -11.20 -6.93 -3.22
CA PHE A 192 -10.15 -6.92 -4.22
C PHE A 192 -10.70 -7.37 -5.56
N PHE A 193 -11.46 -8.48 -5.55
CA PHE A 193 -11.94 -9.05 -6.81
C PHE A 193 -13.09 -8.22 -7.38
N SER A 194 -13.95 -7.68 -6.52
CA SER A 194 -15.12 -6.95 -7.01
C SER A 194 -14.71 -5.61 -7.61
N CYS A 195 -13.78 -4.92 -6.95
CA CYS A 195 -13.34 -3.62 -7.47
C CYS A 195 -12.56 -3.78 -8.78
N MET A 196 -11.73 -4.82 -8.84
CA MET A 196 -10.82 -5.03 -9.96
C MET A 196 -11.62 -5.29 -11.23
N GLN A 197 -12.87 -5.75 -11.05
CA GLN A 197 -13.72 -6.13 -12.16
C GLN A 197 -14.11 -4.92 -12.99
N SER A 198 -14.28 -3.76 -12.34
CA SER A 198 -14.75 -2.60 -13.09
C SER A 198 -13.76 -1.43 -13.08
N ASP A 199 -12.83 -1.40 -12.10
CA ASP A 199 -11.97 -0.24 -11.92
C ASP A 199 -11.08 -0.01 -13.14
N PHE A 200 -10.68 -1.09 -13.83
CA PHE A 200 -9.66 -1.02 -14.87
C PHE A 200 -10.26 -0.85 -16.26
N LEU A 201 -11.59 -0.78 -16.37
CA LEU A 201 -12.18 -0.70 -17.70
C LEU A 201 -11.97 0.68 -18.30
N LYS A 202 -12.06 1.70 -17.42
CA LYS A 202 -11.90 3.08 -17.83
C LYS A 202 -10.95 3.73 -16.82
N VAL A 203 -9.65 3.50 -17.00
CA VAL A 203 -8.63 4.16 -16.18
C VAL A 203 -7.64 4.84 -17.14
N ASP A 204 -7.21 6.07 -16.80
CA ASP A 204 -6.38 6.87 -17.67
C ASP A 204 -4.90 6.79 -17.29
N LEU A 205 -4.59 6.40 -16.05
CA LEU A 205 -3.22 6.32 -15.58
C LEU A 205 -3.10 5.33 -14.43
N LEU A 206 -2.08 4.47 -14.52
CA LEU A 206 -1.71 3.71 -13.35
C LEU A 206 -0.47 4.35 -12.74
N LEU A 207 -0.49 4.64 -11.43
CA LEU A 207 0.71 5.04 -10.67
C LEU A 207 1.09 3.91 -9.72
N VAL A 208 2.22 3.27 -10.05
CA VAL A 208 2.72 2.12 -9.30
C VAL A 208 3.90 2.58 -8.48
N MET A 209 3.76 2.54 -7.15
CA MET A 209 4.72 3.18 -6.27
C MET A 209 5.09 2.26 -5.12
N GLY A 210 6.40 2.02 -4.98
CA GLY A 210 6.93 1.37 -3.80
C GLY A 210 6.67 -0.14 -3.80
N THR A 211 6.40 -0.71 -4.97
CA THR A 211 6.22 -2.14 -5.08
C THR A 211 7.04 -2.64 -6.25
N SER A 212 7.60 -3.84 -6.10
CA SER A 212 8.34 -4.49 -7.18
C SER A 212 7.45 -5.47 -7.93
N LEU A 213 6.16 -5.45 -7.59
CA LEU A 213 5.16 -6.33 -8.19
C LEU A 213 5.62 -7.79 -8.10
N GLN A 214 5.98 -8.22 -6.89
CA GLN A 214 6.52 -9.56 -6.66
C GLN A 214 5.46 -10.49 -6.07
N VAL A 215 4.41 -9.95 -5.43
CA VAL A 215 3.39 -10.80 -4.81
C VAL A 215 2.19 -10.91 -5.74
N GLN A 216 1.67 -12.14 -5.87
CA GLN A 216 0.49 -12.42 -6.68
C GLN A 216 -0.66 -12.76 -5.73
N PRO A 217 -1.94 -12.46 -6.08
CA PRO A 217 -2.33 -11.95 -7.40
C PRO A 217 -2.33 -10.42 -7.59
N PHE A 218 -1.84 -9.68 -6.59
CA PHE A 218 -1.73 -8.22 -6.65
C PHE A 218 -1.01 -7.75 -7.91
N ALA A 219 0.07 -8.44 -8.27
CA ALA A 219 0.91 -8.04 -9.40
C ALA A 219 0.15 -8.00 -10.73
N SER A 220 -0.92 -8.81 -10.85
CA SER A 220 -1.64 -9.00 -12.11
C SER A 220 -2.52 -7.80 -12.45
N LEU A 221 -2.70 -6.91 -11.48
CA LEU A 221 -3.55 -5.73 -11.66
C LEU A 221 -3.05 -4.90 -12.85
N ILE A 222 -1.73 -4.79 -13.05
CA ILE A 222 -1.22 -3.91 -14.10
C ILE A 222 -1.71 -4.30 -15.49
N SER A 223 -1.95 -5.59 -15.73
CA SER A 223 -2.38 -6.03 -17.06
C SER A 223 -3.88 -5.80 -17.27
N LYS A 224 -4.59 -5.34 -16.24
CA LYS A 224 -6.04 -5.20 -16.31
C LYS A 224 -6.42 -3.90 -17.03
N ALA A 225 -5.49 -2.94 -17.08
CA ALA A 225 -5.80 -1.65 -17.70
C ALA A 225 -5.86 -1.78 -19.22
N PRO A 226 -6.55 -0.86 -19.93
CA PRO A 226 -6.58 -0.84 -21.39
C PRO A 226 -5.16 -0.66 -21.93
N LEU A 227 -4.94 -1.13 -23.15
CA LEU A 227 -3.61 -1.17 -23.73
C LEU A 227 -3.02 0.24 -23.86
N SER A 228 -3.88 1.27 -23.91
CA SER A 228 -3.45 2.63 -24.16
C SER A 228 -3.11 3.39 -22.87
N THR A 229 -3.46 2.83 -21.71
CA THR A 229 -3.33 3.53 -20.44
C THR A 229 -1.86 3.64 -20.03
N PRO A 230 -1.26 4.85 -19.92
CA PRO A 230 0.12 4.93 -19.41
C PRO A 230 0.29 4.44 -17.97
N ARG A 231 1.48 3.94 -17.66
CA ARG A 231 1.81 3.37 -16.38
C ARG A 231 3.18 3.88 -15.95
N LEU A 232 3.20 4.55 -14.79
CA LEU A 232 4.40 5.10 -14.19
C LEU A 232 4.77 4.30 -12.95
N LEU A 233 6.00 3.77 -12.98
CA LEU A 233 6.56 3.14 -11.81
C LEU A 233 7.54 4.11 -11.14
N ILE A 234 7.32 4.32 -9.83
CA ILE A 234 8.21 5.04 -8.94
C ILE A 234 8.67 4.03 -7.89
N ASN A 235 9.93 3.56 -7.98
CA ASN A 235 10.37 2.46 -7.13
C ASN A 235 11.90 2.44 -7.12
N LYS A 236 12.45 1.74 -6.13
CA LYS A 236 13.90 1.59 -5.97
C LYS A 236 14.49 0.72 -7.09
N GLU A 237 13.67 -0.17 -7.66
CA GLU A 237 14.14 -1.03 -8.72
C GLU A 237 13.07 -1.15 -9.82
N LYS A 238 13.52 -1.50 -11.03
CA LYS A 238 12.61 -1.85 -12.10
C LYS A 238 11.85 -3.12 -11.67
N ALA A 239 10.62 -3.23 -12.17
CA ALA A 239 9.68 -4.23 -11.67
C ALA A 239 8.36 -4.13 -12.43
N GLY A 243 4.70 -7.46 -17.43
CA GLY A 243 3.89 -6.89 -18.52
C GLY A 243 4.41 -5.52 -18.94
N MET A 244 5.16 -4.86 -18.04
CA MET A 244 5.62 -3.51 -18.30
C MET A 244 6.81 -3.56 -19.26
N ASP A 245 6.85 -2.58 -20.17
CA ASP A 245 7.85 -2.51 -21.21
C ASP A 245 8.38 -1.07 -21.18
N PHE A 246 9.47 -0.89 -20.45
CA PHE A 246 10.06 0.45 -20.34
C PHE A 246 11.07 0.71 -21.45
N ASP A 247 11.70 -0.34 -22.00
CA ASP A 247 13.04 -0.19 -22.57
C ASP A 247 13.16 -0.81 -23.98
N SER A 248 12.14 -1.55 -24.42
CA SER A 248 12.14 -2.12 -25.75
C SER A 248 11.94 -1.06 -26.85
N LYS A 249 12.34 -1.44 -28.07
CA LYS A 249 12.03 -0.67 -29.27
C LYS A 249 10.52 -0.51 -29.49
N LYS A 250 9.69 -1.26 -28.76
CA LYS A 250 8.26 -1.11 -28.89
C LYS A 250 7.66 -0.38 -27.69
N ALA A 251 8.49 0.05 -26.74
CA ALA A 251 7.95 0.76 -25.56
C ALA A 251 7.10 1.95 -26.02
N TYR A 252 5.96 2.17 -25.37
CA TYR A 252 5.05 3.19 -25.85
C TYR A 252 4.36 3.89 -24.68
N ARG A 253 4.36 3.29 -23.49
CA ARG A 253 3.43 3.84 -22.47
C ARG A 253 3.88 3.67 -21.01
N ASP A 254 4.95 2.89 -20.79
CA ASP A 254 5.44 2.60 -19.45
C ASP A 254 6.70 3.39 -19.19
N VAL A 255 6.77 4.01 -18.01
CA VAL A 255 7.90 4.85 -17.63
C VAL A 255 8.37 4.42 -16.26
N ALA A 256 9.70 4.31 -16.08
CA ALA A 256 10.22 3.97 -14.77
C ALA A 256 11.07 5.12 -14.24
N TRP A 257 10.76 5.54 -13.01
CA TRP A 257 11.56 6.51 -12.28
C TRP A 257 12.14 5.77 -11.08
N LEU A 258 13.46 5.52 -11.09
CA LEU A 258 14.10 4.75 -10.03
C LEU A 258 14.62 5.68 -8.94
N GLY A 259 14.28 5.34 -7.70
CA GLY A 259 14.65 6.11 -6.53
C GLY A 259 13.63 5.88 -5.42
N GLU A 260 13.73 6.66 -4.35
CA GLU A 260 12.79 6.50 -3.24
C GLU A 260 11.47 7.20 -3.57
N CYS A 261 10.37 6.66 -3.04
CA CYS A 261 9.03 7.12 -3.37
C CYS A 261 8.81 8.60 -3.00
N ASP A 262 9.29 9.03 -1.83
CA ASP A 262 9.03 10.40 -1.42
C ASP A 262 9.64 11.37 -2.44
N GLN A 263 10.86 11.06 -2.90
CA GLN A 263 11.59 11.92 -3.81
C GLN A 263 10.91 11.91 -5.19
N GLY A 264 10.44 10.73 -5.62
CA GLY A 264 9.71 10.66 -6.87
C GLY A 264 8.40 11.45 -6.88
N CYS A 265 7.60 11.33 -5.81
CA CYS A 265 6.32 12.01 -5.74
C CYS A 265 6.53 13.51 -5.66
N LEU A 266 7.56 13.91 -4.92
CA LEU A 266 7.99 15.30 -4.84
C LEU A 266 8.32 15.84 -6.25
N ALA A 267 9.06 15.09 -7.07
CA ALA A 267 9.44 15.52 -8.42
C ALA A 267 8.23 15.64 -9.33
N LEU A 268 7.33 14.66 -9.23
CA LEU A 268 6.09 14.70 -9.96
C LEU A 268 5.25 15.92 -9.54
N ALA A 269 5.10 16.13 -8.23
CA ALA A 269 4.30 17.23 -7.69
C ALA A 269 4.87 18.55 -8.23
N GLU A 270 6.20 18.65 -8.20
CA GLU A 270 6.92 19.84 -8.66
C GLU A 270 6.62 20.09 -10.14
N LEU A 271 6.63 19.03 -10.97
CA LEU A 271 6.32 19.15 -12.38
C LEU A 271 4.86 19.57 -12.67
N LEU A 272 3.93 19.23 -11.76
CA LEU A 272 2.51 19.46 -11.95
C LEU A 272 2.10 20.84 -11.44
N GLY A 273 3.03 21.48 -10.73
CA GLY A 273 2.77 22.74 -10.06
C GLY A 273 2.02 22.56 -8.74
N TRP A 274 2.21 21.39 -8.10
CA TRP A 274 1.51 21.09 -6.85
C TRP A 274 2.48 21.10 -5.68
N LYS A 275 3.70 21.60 -5.89
CA LYS A 275 4.77 21.41 -4.94
C LYS A 275 4.47 22.10 -3.61
N LYS A 276 4.02 23.36 -3.67
CA LYS A 276 3.77 24.12 -2.46
C LYS A 276 2.57 23.52 -1.75
N GLU A 277 1.52 23.22 -2.54
CA GLU A 277 0.30 22.60 -2.07
C GLU A 277 0.62 21.31 -1.33
N LEU A 278 1.43 20.43 -1.94
CA LEU A 278 1.78 19.17 -1.31
C LEU A 278 2.49 19.44 0.00
N GLU A 279 3.45 20.39 -0.05
CA GLU A 279 4.28 20.72 1.09
C GLU A 279 3.39 21.22 2.23
N ASP A 280 2.49 22.15 1.91
CA ASP A 280 1.55 22.76 2.84
C ASP A 280 0.72 21.68 3.55
N LEU A 281 0.19 20.73 2.76
CA LEU A 281 -0.62 19.64 3.27
C LEU A 281 0.19 18.79 4.26
N VAL A 282 1.40 18.39 3.87
CA VAL A 282 2.21 17.54 4.72
C VAL A 282 2.52 18.25 6.05
N ARG A 283 2.81 19.55 6.00
CA ARG A 283 3.29 20.26 7.18
C ARG A 283 2.24 20.24 8.29
N ARG A 284 1.01 20.67 7.98
CA ARG A 284 -0.04 20.73 8.99
C ARG A 284 -0.45 19.33 9.45
N GLU A 285 -0.63 18.40 8.49
CA GLU A 285 -1.04 17.04 8.82
C GLU A 285 -0.08 16.40 9.80
N HIS A 286 1.21 16.69 9.62
CA HIS A 286 2.25 16.14 10.49
C HIS A 286 2.21 16.82 11.86
N ALA A 287 2.24 18.16 11.86
CA ALA A 287 2.27 18.97 13.07
C ALA A 287 1.03 18.73 13.91
N SER A 288 -0.10 18.46 13.25
CA SER A 288 -1.34 18.11 13.93
C SER A 288 -1.20 16.77 14.64
N ILE A 289 -0.65 15.76 13.94
CA ILE A 289 -0.45 14.43 14.50
C ILE A 289 0.46 14.53 15.72
N ASP A 290 1.42 15.47 15.67
CA ASP A 290 2.40 15.69 16.72
C ASP A 290 1.71 16.05 18.03
N ALA A 291 0.70 16.92 17.93
CA ALA A 291 0.03 17.54 19.05
C ALA A 291 -0.60 16.50 19.97
N GLN A 292 -1.00 15.36 19.36
CA GLN A 292 -1.58 14.24 20.10
C GLN A 292 -0.46 13.47 20.82
C21 P6S B 1 -3.44 -18.11 -3.27
C22 P6S B 1 -3.82 -19.35 -2.49
C24 P6S B 1 -3.98 -21.77 -2.38
C26 P6S B 1 -4.66 -20.42 -0.48
C19 P6S B 1 -3.83 -15.94 -2.01
C23 P6S B 1 -3.64 -20.61 -3.09
C25 P6S B 1 -4.48 -21.67 -1.07
C27 P6S B 1 -4.33 -19.26 -1.19
O20 P6S B 1 -4.27 -17.01 -2.89
O28 P6S B 1 -4.57 -14.96 -1.96
N LYS B 2 -2.72 -16.07 -1.28
CA LYS B 2 -1.50 -15.27 -1.36
C LYS B 2 -0.32 -16.21 -1.38
N AIB B 3 0.57 -16.00 -2.34
CA AIB B 3 1.98 -16.40 -2.39
C AIB B 3 2.68 -15.41 -3.29
O AIB B 3 2.08 -14.90 -4.23
CB1 AIB B 3 2.11 -17.82 -2.96
CB2 AIB B 3 2.62 -16.38 -1.02
N ARG B 4 3.94 -15.06 -2.99
CA ARG B 4 5.14 -15.41 -3.76
C ARG B 4 4.97 -15.43 -5.28
N NH2 B 5 4.98 -14.26 -5.92
ZN ZN C . -14.99 -14.91 19.82
C18 F4R D . 1.63 -9.69 2.45
S1 F4R D . 2.67 -9.48 1.28
N4 F4R D . 1.57 -8.74 3.38
C19 F4R D . 0.46 -8.59 4.27
C20 F4R D . 0.97 -8.54 5.71
C21 F4R D . 0.72 -9.88 6.37
C22 F4R D . 1.85 -10.88 6.21
C23 F4R D . 3.16 -10.44 6.86
C24 F4R D . 3.06 -10.16 8.36
C25 F4R D . 3.99 -9.00 8.71
C26 F4R D . 4.51 -9.10 10.14
C27 F4R D . 3.96 -7.96 10.99
C37 F4R D . 5.04 -6.99 11.49
C38 F4R D . 4.48 -6.00 12.51
C39 F4R D . 4.59 -4.56 12.06
#